data_7SCI
#
_entry.id   7SCI
#
_cell.length_a   101.564
_cell.length_b   101.564
_cell.length_c   114.626
_cell.angle_alpha   90.000
_cell.angle_beta   90.000
_cell.angle_gamma   120.000
#
_symmetry.space_group_name_H-M   'P 65'
#
loop_
_entity.id
_entity.type
_entity.pdbx_description
1 polymer 'Peptidase M60 domain-containing protein'
2 non-polymer 'ZINC ION'
3 non-polymer 'TRIETHYLENE GLYCOL'
4 non-polymer 'FORMIC ACID'
5 non-polymer 'CHLORIDE ION'
6 water water
#
_entity_poly.entity_id   1
_entity_poly.type   'polypeptide(L)'
_entity_poly.pdbx_seq_one_letter_code
;MANTPEHIGNDLKLFKDSSCTSLKPDVKNTSAFQSDAMKELATKILAGHYKPDYLYAEYRALPSPRQTGKNLRIGDGFSK
YDNMTGVYLEKGRHVVLVGKTEGQEISLLLPNLMRKPAEGVQPTKDPNGWGLHKKQIPLKEGINIIDVETPANAYISYFT
EDAGKAPKIPVHFVTGKANGYFDTTRGDTNKDWVRLLDQAVSPIMDARGKYIQVAYPVEFLKKFTKDRGTELINAYDKLI
GIQYQLMGLDKYGKIPENRVLARVNFNYYMFRDGDGVAYLGNDGTMRMVTDPENVLKGDACWGFSHEVGHVMQMRPMTWG
GMTEVSNNIFSLQAAAKTGNESRLKRQGSYDKARKEIIEGEIAYLQSKDVFNKLVPLWQLHLYFTKNGHPDFYPDVMEYL
RNNAGNYGGNDTVKYQFEFVKACCDVTKTDLTDFFEKWGFFKPGKFHIGDYAQYDFNVTPEMVEETKKWIAGKGYPKPET
DITELSE
;
_entity_poly.pdbx_strand_id   A
#
# COMPACT_ATOMS: atom_id res chain seq x y z
N MET A 1 -38.13 -10.52 -23.29
CA MET A 1 -37.31 -9.35 -22.85
C MET A 1 -35.94 -9.72 -22.23
N ALA A 2 -35.31 -10.79 -22.74
CA ALA A 2 -34.02 -11.30 -22.20
C ALA A 2 -32.85 -10.32 -22.40
N ASN A 3 -31.87 -10.38 -21.51
CA ASN A 3 -30.73 -9.43 -21.57
C ASN A 3 -29.62 -9.99 -22.48
N THR A 4 -29.92 -10.05 -23.77
CA THR A 4 -29.02 -10.59 -24.81
C THR A 4 -28.31 -9.40 -25.44
N PRO A 5 -27.09 -9.61 -25.99
CA PRO A 5 -26.40 -8.49 -26.64
C PRO A 5 -27.21 -7.81 -27.77
N GLU A 6 -28.00 -8.58 -28.48
CA GLU A 6 -28.91 -8.05 -29.53
C GLU A 6 -30.05 -7.21 -28.94
N HIS A 7 -30.71 -7.67 -27.88
CA HIS A 7 -31.73 -6.84 -27.21
C HIS A 7 -31.14 -5.58 -26.58
N ILE A 8 -30.01 -5.74 -25.88
CA ILE A 8 -29.36 -4.60 -25.23
C ILE A 8 -28.86 -3.62 -26.28
N GLY A 9 -28.21 -4.15 -27.33
CA GLY A 9 -27.69 -3.29 -28.42
C GLY A 9 -28.75 -2.44 -29.10
N ASN A 10 -29.92 -3.02 -29.34
CA ASN A 10 -31.04 -2.24 -29.88
C ASN A 10 -31.44 -1.11 -28.94
N ASP A 11 -31.50 -1.42 -27.64
CA ASP A 11 -31.86 -0.41 -26.63
C ASP A 11 -30.89 0.75 -26.50
N LEU A 12 -29.59 0.48 -26.71
CA LEU A 12 -28.54 1.50 -26.61
C LEU A 12 -28.84 2.69 -27.50
N LYS A 13 -29.44 2.41 -28.66
CA LYS A 13 -29.77 3.46 -29.63
C LYS A 13 -30.78 4.49 -29.09
N LEU A 14 -31.55 4.12 -28.06
CA LEU A 14 -32.57 5.02 -27.46
C LEU A 14 -32.04 6.07 -26.47
N PHE A 15 -30.78 5.90 -26.05
CA PHE A 15 -30.15 6.84 -25.11
C PHE A 15 -29.34 7.90 -25.83
N LYS A 16 -29.11 9.05 -25.19
CA LYS A 16 -28.36 10.16 -25.81
C LYS A 16 -26.91 9.87 -26.15
N ASP A 17 -26.20 9.16 -25.28
CA ASP A 17 -24.81 8.76 -25.56
C ASP A 17 -24.53 7.39 -24.93
N SER A 18 -23.27 6.94 -24.96
CA SER A 18 -22.96 5.59 -24.50
C SER A 18 -23.00 5.45 -22.96
N SER A 19 -23.07 6.56 -22.24
CA SER A 19 -23.26 6.52 -20.78
C SER A 19 -24.60 5.88 -20.37
N CYS A 20 -25.61 6.05 -21.24
CA CYS A 20 -27.00 5.57 -21.00
C CYS A 20 -27.52 6.10 -19.64
N THR A 21 -27.30 7.39 -19.40
CA THR A 21 -27.77 8.05 -18.20
C THR A 21 -28.83 9.04 -18.59
N SER A 22 -29.14 9.15 -19.88
CA SER A 22 -30.21 10.02 -20.34
C SER A 22 -30.76 9.47 -21.65
N LEU A 23 -32.03 9.75 -21.90
CA LEU A 23 -32.73 9.23 -23.07
C LEU A 23 -32.81 10.24 -24.21
N LYS A 24 -32.83 9.76 -25.45
CA LYS A 24 -33.07 10.66 -26.58
C LYS A 24 -34.39 11.45 -26.37
N PRO A 25 -34.43 12.75 -26.76
CA PRO A 25 -35.60 13.58 -26.34
C PRO A 25 -36.97 13.15 -26.92
N ASP A 26 -36.96 12.29 -27.92
CA ASP A 26 -38.18 11.74 -28.53
C ASP A 26 -38.64 10.39 -27.93
N VAL A 27 -37.83 9.84 -27.01
CA VAL A 27 -38.18 8.63 -26.25
C VAL A 27 -39.08 9.02 -25.06
N LYS A 28 -40.38 8.75 -25.18
CA LYS A 28 -41.38 9.25 -24.24
C LYS A 28 -41.86 8.16 -23.30
N ASN A 29 -41.65 6.91 -23.70
CA ASN A 29 -42.12 5.77 -22.94
C ASN A 29 -41.17 4.64 -23.23
N THR A 30 -41.47 3.44 -22.73
CA THR A 30 -40.56 2.28 -22.91
C THR A 30 -41.08 1.18 -23.84
N SER A 31 -42.03 1.52 -24.70
CA SER A 31 -42.67 0.50 -25.52
C SER A 31 -41.69 -0.13 -26.55
N ALA A 32 -40.72 0.64 -27.04
CA ALA A 32 -39.73 0.10 -28.00
C ALA A 32 -38.56 -0.74 -27.39
N PHE A 33 -38.46 -0.79 -26.06
CA PHE A 33 -37.34 -1.51 -25.40
C PHE A 33 -37.36 -3.02 -25.54
N GLN A 34 -36.21 -3.60 -25.84
CA GLN A 34 -36.16 -5.04 -25.99
C GLN A 34 -35.55 -5.80 -24.84
N SER A 35 -34.78 -5.13 -23.96
CA SER A 35 -34.15 -5.83 -22.83
C SER A 35 -34.74 -5.36 -21.51
N ASP A 36 -34.88 -6.30 -20.60
CA ASP A 36 -35.32 -6.02 -19.26
C ASP A 36 -34.40 -4.99 -18.59
N ALA A 37 -33.08 -5.18 -18.71
CA ALA A 37 -32.10 -4.31 -18.05
C ALA A 37 -32.22 -2.85 -18.52
N MET A 38 -32.23 -2.63 -19.83
CA MET A 38 -32.29 -1.26 -20.30
C MET A 38 -33.69 -0.63 -20.10
N LYS A 39 -34.74 -1.45 -20.21
CA LYS A 39 -36.12 -0.95 -19.97
C LYS A 39 -36.26 -0.45 -18.51
N GLU A 40 -35.80 -1.27 -17.58
CA GLU A 40 -35.81 -0.91 -16.16
C GLU A 40 -35.05 0.41 -15.91
N LEU A 41 -33.89 0.58 -16.53
CA LEU A 41 -33.13 1.83 -16.44
C LEU A 41 -33.91 3.04 -17.03
N ALA A 42 -34.46 2.85 -18.23
CA ALA A 42 -35.22 3.93 -18.89
C ALA A 42 -36.43 4.33 -18.07
N THR A 43 -37.07 3.35 -17.43
CA THR A 43 -38.23 3.63 -16.55
C THR A 43 -37.83 4.59 -15.43
N LYS A 44 -36.65 4.32 -14.82
CA LYS A 44 -36.12 5.24 -13.78
C LYS A 44 -35.89 6.64 -14.32
N ILE A 45 -35.25 6.72 -15.48
CA ILE A 45 -34.90 8.02 -16.09
C ILE A 45 -36.16 8.81 -16.39
N LEU A 46 -37.12 8.14 -17.05
CA LEU A 46 -38.42 8.80 -17.37
C LEU A 46 -39.18 9.26 -16.17
N ALA A 47 -39.06 8.53 -15.05
CA ALA A 47 -39.71 8.97 -13.79
C ALA A 47 -39.01 10.17 -13.12
N GLY A 48 -37.86 10.58 -13.65
CA GLY A 48 -37.28 11.88 -13.32
C GLY A 48 -36.39 11.92 -12.07
N HIS A 49 -36.15 10.79 -11.44
CA HIS A 49 -35.24 10.77 -10.29
C HIS A 49 -34.16 9.72 -10.33
N TYR A 50 -33.65 9.34 -11.54
CA TYR A 50 -32.58 8.29 -11.66
C TYR A 50 -31.38 8.79 -10.90
N LYS A 51 -30.78 7.93 -10.07
CA LYS A 51 -29.53 8.27 -9.40
C LYS A 51 -28.43 7.41 -10.03
N PRO A 52 -27.57 8.00 -10.89
CA PRO A 52 -26.51 7.20 -11.52
C PRO A 52 -25.29 6.91 -10.59
N ASP A 53 -25.25 7.54 -9.40
CA ASP A 53 -24.07 7.50 -8.51
C ASP A 53 -23.54 6.11 -8.34
N TYR A 54 -22.23 5.96 -8.53
CA TYR A 54 -21.53 4.63 -8.39
C TYR A 54 -21.77 3.68 -9.55
N LEU A 55 -23.05 3.41 -9.84
CA LEU A 55 -23.43 2.57 -10.98
C LEU A 55 -22.81 3.05 -12.29
N TYR A 56 -22.86 4.34 -12.55
CA TYR A 56 -22.15 4.93 -13.65
C TYR A 56 -20.99 5.79 -13.13
N ALA A 57 -19.78 5.59 -13.65
CA ALA A 57 -18.64 6.45 -13.29
C ALA A 57 -17.62 6.31 -14.39
N GLU A 58 -16.66 7.23 -14.44
CA GLU A 58 -15.56 7.16 -15.39
C GLU A 58 -14.31 6.86 -14.59
N TYR A 59 -13.53 5.89 -15.09
CA TYR A 59 -12.38 5.33 -14.38
C TYR A 59 -11.09 5.83 -15.00
N ARG A 60 -10.24 6.38 -14.15
CA ARG A 60 -8.94 6.94 -14.52
C ARG A 60 -7.89 5.83 -14.35
N ALA A 61 -6.91 5.74 -15.25
CA ALA A 61 -5.88 4.72 -15.16
C ALA A 61 -4.92 5.09 -14.02
N LEU A 62 -4.43 4.10 -13.29
CA LEU A 62 -3.36 4.32 -12.34
C LEU A 62 -2.06 3.77 -12.90
N PRO A 63 -0.90 4.28 -12.40
CA PRO A 63 0.36 3.61 -12.78
C PRO A 63 0.33 2.20 -12.20
N SER A 64 0.91 1.21 -12.88
CA SER A 64 0.87 -0.12 -12.28
C SER A 64 1.69 -0.09 -10.99
N PRO A 65 1.27 -0.84 -9.95
CA PRO A 65 2.13 -0.93 -8.76
C PRO A 65 3.59 -1.30 -9.09
N ARG A 66 3.82 -2.09 -10.14
CA ARG A 66 5.19 -2.50 -10.40
C ARG A 66 6.01 -1.34 -10.97
N GLN A 67 5.39 -0.50 -11.80
CA GLN A 67 6.06 0.71 -12.29
C GLN A 67 6.37 1.67 -11.11
N THR A 68 5.38 1.85 -10.24
CA THR A 68 5.54 2.72 -9.05
C THR A 68 6.73 2.26 -8.21
N GLY A 69 6.78 0.96 -7.93
CA GLY A 69 7.90 0.37 -7.15
C GLY A 69 9.25 0.53 -7.80
N LYS A 70 9.32 0.23 -9.10
CA LYS A 70 10.53 0.35 -9.89
C LYS A 70 11.02 1.81 -9.84
N ASN A 71 10.14 2.77 -10.11
CA ASN A 71 10.55 4.18 -10.04
C ASN A 71 11.18 4.60 -8.72
N LEU A 72 10.66 4.08 -7.61
CA LEU A 72 11.13 4.54 -6.31
C LEU A 72 12.15 3.58 -5.68
N ARG A 73 12.38 2.47 -6.37
CA ARG A 73 13.21 1.34 -5.91
C ARG A 73 12.65 0.68 -4.66
N ILE A 74 11.35 0.48 -4.63
CA ILE A 74 10.68 -0.10 -3.44
C ILE A 74 9.82 -1.27 -3.93
N GLY A 75 8.94 -1.80 -3.06
CA GLY A 75 8.13 -2.99 -3.39
C GLY A 75 6.98 -2.62 -4.31
N ASP A 76 6.25 -3.63 -4.79
CA ASP A 76 5.07 -3.32 -5.62
C ASP A 76 3.77 -3.72 -4.95
N GLY A 77 3.81 -3.91 -3.63
CA GLY A 77 2.66 -4.39 -2.88
C GLY A 77 1.55 -3.35 -2.65
N PHE A 78 1.28 -2.55 -3.69
CA PHE A 78 0.23 -1.51 -3.63
C PHE A 78 -1.06 -2.15 -4.07
N SER A 79 -2.18 -1.45 -3.85
CA SER A 79 -3.49 -2.06 -4.05
C SER A 79 -3.83 -2.37 -5.50
N LYS A 80 -4.18 -3.61 -5.78
CA LYS A 80 -4.74 -3.99 -7.10
C LYS A 80 -6.23 -3.63 -7.24
N TYR A 81 -6.84 -3.23 -6.13
CA TYR A 81 -8.31 -2.99 -6.03
C TYR A 81 -8.59 -1.52 -5.81
N ASP A 82 -7.57 -0.72 -6.09
CA ASP A 82 -7.57 0.72 -5.88
C ASP A 82 -8.77 1.38 -6.57
N ASN A 83 -9.08 0.97 -7.81
CA ASN A 83 -10.20 1.58 -8.55
C ASN A 83 -11.54 0.95 -8.08
N MET A 84 -11.88 1.18 -6.80
CA MET A 84 -13.16 0.71 -6.22
C MET A 84 -14.36 1.36 -6.95
N THR A 85 -15.47 0.65 -7.06
CA THR A 85 -16.66 1.20 -7.74
C THR A 85 -17.75 1.63 -6.75
N GLY A 86 -17.79 1.04 -5.56
CA GLY A 86 -18.96 1.21 -4.68
C GLY A 86 -20.22 0.49 -5.22
N VAL A 87 -20.03 -0.46 -6.15
CA VAL A 87 -21.12 -1.26 -6.71
C VAL A 87 -21.04 -2.69 -6.19
N TYR A 88 -22.18 -3.21 -5.77
CA TYR A 88 -22.27 -4.60 -5.31
C TYR A 88 -23.07 -5.35 -6.34
N LEU A 89 -22.59 -6.53 -6.72
CA LEU A 89 -23.24 -7.37 -7.74
C LEU A 89 -23.79 -8.62 -7.07
N GLU A 90 -25.11 -8.68 -6.98
CA GLU A 90 -25.80 -9.90 -6.52
C GLU A 90 -25.53 -11.06 -7.47
N LYS A 91 -25.77 -12.28 -6.99
CA LYS A 91 -25.71 -13.46 -7.83
C LYS A 91 -26.68 -13.28 -9.00
N GLY A 92 -26.21 -13.57 -10.20
CA GLY A 92 -27.06 -13.55 -11.39
C GLY A 92 -26.32 -13.04 -12.59
N ARG A 93 -27.05 -12.79 -13.67
CA ARG A 93 -26.48 -12.35 -14.92
C ARG A 93 -26.55 -10.82 -14.97
N HIS A 94 -25.38 -10.19 -15.08
CA HIS A 94 -25.29 -8.72 -15.02
C HIS A 94 -24.91 -8.14 -16.36
N VAL A 95 -25.36 -6.91 -16.59
CA VAL A 95 -25.05 -6.10 -17.74
C VAL A 95 -24.13 -4.94 -17.31
N VAL A 96 -22.97 -4.89 -17.96
CA VAL A 96 -21.94 -3.90 -17.66
C VAL A 96 -21.54 -3.27 -18.97
N LEU A 97 -21.79 -1.97 -19.10
CA LEU A 97 -21.55 -1.23 -20.32
C LEU A 97 -20.25 -0.43 -20.18
N VAL A 98 -19.32 -0.68 -21.09
CA VAL A 98 -18.00 -0.04 -21.03
C VAL A 98 -17.91 0.93 -22.20
N GLY A 99 -17.52 2.19 -21.93
CA GLY A 99 -17.26 3.21 -22.97
C GLY A 99 -15.99 2.93 -23.77
N LYS A 100 -15.55 3.94 -24.53
CA LYS A 100 -14.33 3.87 -25.36
C LYS A 100 -13.09 3.52 -24.53
N THR A 101 -12.43 2.42 -24.88
CA THR A 101 -11.22 1.99 -24.16
C THR A 101 -9.94 2.37 -24.89
N GLU A 102 -10.04 2.70 -26.18
CA GLU A 102 -8.86 2.88 -27.06
C GLU A 102 -7.89 1.68 -27.01
N GLY A 103 -8.43 0.47 -26.96
CA GLY A 103 -7.62 -0.76 -26.81
C GLY A 103 -6.90 -0.96 -25.48
N GLN A 104 -7.06 -0.03 -24.53
CA GLN A 104 -6.48 -0.18 -23.18
C GLN A 104 -6.97 -1.46 -22.49
N GLU A 105 -6.08 -2.17 -21.77
CA GLU A 105 -6.48 -3.39 -21.08
C GLU A 105 -7.24 -2.99 -19.83
N ILE A 106 -8.40 -3.60 -19.59
CA ILE A 106 -9.22 -3.24 -18.43
C ILE A 106 -10.03 -4.42 -18.00
N SER A 107 -10.11 -4.66 -16.70
CA SER A 107 -10.90 -5.78 -16.27
C SER A 107 -11.71 -5.48 -15.02
N LEU A 108 -12.58 -6.42 -14.68
CA LEU A 108 -13.43 -6.33 -13.52
C LEU A 108 -12.93 -7.35 -12.51
N LEU A 109 -12.79 -6.91 -11.26
CA LEU A 109 -12.40 -7.77 -10.13
C LEU A 109 -13.55 -7.97 -9.14
N LEU A 110 -13.81 -9.23 -8.79
CA LEU A 110 -14.85 -9.57 -7.85
C LEU A 110 -14.21 -10.40 -6.72
N PRO A 111 -13.67 -9.72 -5.68
CA PRO A 111 -12.95 -10.53 -4.70
C PRO A 111 -13.89 -11.16 -3.71
N ASN A 112 -13.54 -12.35 -3.22
CA ASN A 112 -14.30 -12.95 -2.14
C ASN A 112 -13.68 -12.56 -0.79
N LEU A 113 -13.97 -11.34 -0.35
CA LEU A 113 -13.41 -10.83 0.90
C LEU A 113 -13.97 -11.55 2.13
N MET A 114 -15.15 -12.12 1.98
CA MET A 114 -15.78 -12.83 3.07
C MET A 114 -15.52 -14.35 3.09
N ARG A 115 -14.58 -14.83 2.26
CA ARG A 115 -14.20 -16.25 2.22
C ARG A 115 -13.78 -16.77 3.60
N LYS A 116 -14.45 -17.84 4.04
CA LYS A 116 -14.17 -18.46 5.37
C LYS A 116 -13.68 -19.89 5.20
N PRO A 117 -12.88 -20.41 6.16
CA PRO A 117 -12.60 -21.87 6.04
C PRO A 117 -13.91 -22.69 6.21
N ALA A 118 -13.99 -23.84 5.53
CA ALA A 118 -15.13 -24.79 5.70
C ALA A 118 -15.26 -25.21 7.18
N GLU A 119 -16.47 -25.53 7.63
CA GLU A 119 -16.71 -25.94 9.06
C GLU A 119 -15.74 -27.03 9.54
N GLY A 120 -15.19 -26.84 10.73
CA GLY A 120 -14.20 -27.77 11.28
C GLY A 120 -12.83 -27.79 10.63
N VAL A 121 -12.58 -26.92 9.64
CA VAL A 121 -11.22 -26.69 9.12
C VAL A 121 -10.54 -25.71 10.07
N GLN A 122 -9.28 -26.00 10.39
CA GLN A 122 -8.44 -25.10 11.17
C GLN A 122 -8.11 -23.87 10.31
N PRO A 123 -8.53 -22.65 10.73
CA PRO A 123 -8.35 -21.48 9.81
C PRO A 123 -6.94 -21.32 9.21
N THR A 124 -5.91 -21.46 10.05
CA THR A 124 -4.51 -21.37 9.60
C THR A 124 -4.09 -22.48 8.61
N LYS A 125 -4.78 -23.61 8.62
CA LYS A 125 -4.46 -24.71 7.70
C LYS A 125 -5.46 -24.88 6.53
N ASP A 126 -6.26 -23.84 6.26
CA ASP A 126 -7.24 -23.84 5.17
C ASP A 126 -6.61 -24.33 3.85
N PRO A 127 -7.15 -25.44 3.28
CA PRO A 127 -6.67 -25.88 1.95
C PRO A 127 -6.80 -24.81 0.83
N ASN A 128 -7.72 -23.85 0.98
CA ASN A 128 -7.83 -22.70 0.07
C ASN A 128 -6.74 -21.64 0.25
N GLY A 129 -5.97 -21.73 1.34
CA GLY A 129 -4.86 -20.79 1.61
C GLY A 129 -5.38 -19.48 2.21
N TRP A 130 -4.49 -18.47 2.31
CA TRP A 130 -4.81 -17.22 3.00
C TRP A 130 -5.02 -16.03 2.03
N GLY A 131 -4.74 -16.24 0.74
CA GLY A 131 -4.78 -15.17 -0.29
C GLY A 131 -6.20 -14.66 -0.55
N LEU A 132 -6.28 -13.49 -1.16
CA LEU A 132 -7.56 -12.90 -1.53
C LEU A 132 -7.97 -13.49 -2.86
N HIS A 133 -8.95 -14.39 -2.82
CA HIS A 133 -9.52 -15.01 -4.00
C HIS A 133 -10.42 -14.00 -4.70
N LYS A 134 -10.47 -14.06 -6.02
CA LYS A 134 -11.33 -13.16 -6.79
C LYS A 134 -11.64 -13.77 -8.13
N LYS A 135 -12.76 -13.37 -8.72
CA LYS A 135 -13.04 -13.62 -10.12
C LYS A 135 -12.52 -12.39 -10.89
N GLN A 136 -11.77 -12.60 -11.97
CA GLN A 136 -11.31 -11.49 -12.78
C GLN A 136 -11.93 -11.66 -14.17
N ILE A 137 -12.64 -10.64 -14.65
CA ILE A 137 -13.32 -10.75 -15.92
C ILE A 137 -12.76 -9.65 -16.80
N PRO A 138 -12.08 -10.05 -17.91
CA PRO A 138 -11.60 -9.07 -18.91
C PRO A 138 -12.79 -8.30 -19.48
N LEU A 139 -12.69 -6.98 -19.58
CA LEU A 139 -13.80 -6.17 -20.12
C LEU A 139 -13.47 -5.72 -21.54
N LYS A 140 -14.48 -5.65 -22.39
CA LYS A 140 -14.32 -5.11 -23.74
C LYS A 140 -15.16 -3.85 -23.87
N GLU A 141 -14.81 -2.98 -24.81
CA GLU A 141 -15.62 -1.82 -25.12
C GLU A 141 -17.02 -2.32 -25.50
N GLY A 142 -18.07 -1.74 -24.92
CA GLY A 142 -19.44 -2.12 -25.29
C GLY A 142 -20.14 -2.95 -24.23
N ILE A 143 -20.96 -3.88 -24.68
CA ILE A 143 -21.81 -4.64 -23.78
C ILE A 143 -21.01 -5.79 -23.19
N ASN A 144 -21.01 -5.91 -21.86
CA ASN A 144 -20.38 -7.07 -21.24
C ASN A 144 -21.44 -7.75 -20.41
N ILE A 145 -21.70 -9.02 -20.71
CA ILE A 145 -22.64 -9.86 -19.95
C ILE A 145 -21.84 -10.68 -18.98
N ILE A 146 -22.07 -10.49 -17.68
CA ILE A 146 -21.22 -11.11 -16.67
C ILE A 146 -22.06 -11.90 -15.72
N ASP A 147 -21.74 -13.20 -15.64
CA ASP A 147 -22.40 -14.10 -14.72
C ASP A 147 -21.71 -14.13 -13.39
N VAL A 148 -22.41 -13.71 -12.34
CA VAL A 148 -21.83 -13.63 -11.01
C VAL A 148 -22.39 -14.81 -10.21
N GLU A 149 -21.51 -15.67 -9.70
CA GLU A 149 -21.95 -16.86 -8.93
C GLU A 149 -22.08 -16.61 -7.45
N THR A 150 -21.23 -15.75 -6.92
CA THR A 150 -21.30 -15.37 -5.51
C THR A 150 -21.28 -13.83 -5.45
N PRO A 151 -22.15 -13.23 -4.61
CA PRO A 151 -22.23 -11.76 -4.60
C PRO A 151 -20.88 -11.12 -4.18
N ALA A 152 -20.55 -9.98 -4.80
CA ALA A 152 -19.23 -9.35 -4.63
C ALA A 152 -19.32 -7.85 -4.83
N ASN A 153 -18.49 -7.13 -4.10
CA ASN A 153 -18.20 -5.73 -4.46
C ASN A 153 -17.37 -5.80 -5.75
N ALA A 154 -17.58 -4.81 -6.62
CA ALA A 154 -16.85 -4.73 -7.89
C ALA A 154 -15.73 -3.69 -7.80
N TYR A 155 -14.61 -3.99 -8.45
CA TYR A 155 -13.45 -3.07 -8.51
C TYR A 155 -12.96 -3.12 -9.94
N ILE A 156 -12.62 -1.96 -10.49
CA ILE A 156 -12.07 -1.90 -11.85
C ILE A 156 -10.54 -2.04 -11.76
N SER A 157 -10.00 -2.86 -12.63
CA SER A 157 -8.56 -3.02 -12.77
C SER A 157 -8.14 -2.31 -14.05
N TYR A 158 -7.58 -1.11 -13.88
CA TYR A 158 -7.16 -0.30 -15.02
C TYR A 158 -5.83 0.40 -14.70
N PHE A 159 -4.75 -0.24 -15.13
CA PHE A 159 -3.39 0.20 -14.89
C PHE A 159 -2.64 0.35 -16.22
N THR A 160 -1.82 1.39 -16.36
CA THR A 160 -0.92 1.54 -17.54
C THR A 160 0.39 2.17 -17.17
N GLU A 161 1.36 2.01 -18.08
CA GLU A 161 2.57 2.86 -18.15
C GLU A 161 2.21 4.12 -18.93
N ASP A 162 2.31 5.28 -18.28
CA ASP A 162 1.81 6.60 -18.79
C ASP A 162 0.32 6.86 -18.47
N ALA A 163 0.03 6.84 -17.16
CA ALA A 163 -1.33 6.95 -16.61
C ALA A 163 -1.97 8.33 -16.82
N GLY A 164 -1.15 9.39 -16.80
CA GLY A 164 -1.58 10.77 -17.07
C GLY A 164 -2.14 10.99 -18.47
N LYS A 165 -1.71 10.14 -19.41
CA LYS A 165 -2.10 10.19 -20.82
C LYS A 165 -3.33 9.31 -21.20
N ALA A 166 -3.53 8.14 -20.56
CA ALA A 166 -4.57 7.14 -20.94
C ALA A 166 -6.00 7.69 -20.83
N PRO A 167 -6.97 7.17 -21.61
CA PRO A 167 -8.30 7.82 -21.49
C PRO A 167 -9.03 7.47 -20.19
N LYS A 168 -9.92 8.35 -19.73
CA LYS A 168 -10.89 7.97 -18.70
C LYS A 168 -11.87 6.99 -19.34
N ILE A 169 -12.13 5.84 -18.70
CA ILE A 169 -13.06 4.87 -19.30
C ILE A 169 -14.41 4.83 -18.52
N PRO A 170 -15.51 5.20 -19.19
CA PRO A 170 -16.82 5.07 -18.52
C PRO A 170 -17.21 3.60 -18.31
N VAL A 171 -17.69 3.26 -17.11
CA VAL A 171 -18.29 1.93 -16.86
C VAL A 171 -19.64 2.07 -16.13
N HIS A 172 -20.68 1.46 -16.70
CA HIS A 172 -22.02 1.52 -16.13
C HIS A 172 -22.50 0.12 -15.79
N PHE A 173 -22.63 -0.11 -14.49
CA PHE A 173 -23.15 -1.34 -13.92
C PHE A 173 -24.70 -1.24 -13.90
N VAL A 174 -25.32 -1.52 -15.05
CA VAL A 174 -26.73 -1.21 -15.24
C VAL A 174 -27.59 -1.95 -14.21
N THR A 175 -27.26 -3.22 -14.00
CA THR A 175 -27.99 -4.10 -13.12
C THR A 175 -27.43 -4.18 -11.69
N GLY A 176 -26.45 -3.33 -11.36
CA GLY A 176 -25.83 -3.33 -10.02
C GLY A 176 -26.65 -2.65 -8.92
N LYS A 177 -26.14 -2.74 -7.70
CA LYS A 177 -26.68 -2.00 -6.56
C LYS A 177 -25.58 -1.06 -6.08
N ALA A 178 -25.96 0.17 -5.74
CA ALA A 178 -25.04 1.16 -5.22
C ALA A 178 -24.80 0.92 -3.74
N ASN A 179 -23.74 0.20 -3.38
CA ASN A 179 -23.28 0.11 -1.98
C ASN A 179 -22.67 1.47 -1.47
N GLY A 180 -22.11 2.24 -2.40
CA GLY A 180 -21.33 3.46 -2.12
C GLY A 180 -19.93 3.11 -1.60
N TYR A 181 -19.13 4.15 -1.36
CA TYR A 181 -17.87 3.98 -0.59
C TYR A 181 -17.57 5.25 0.17
N PHE A 182 -16.60 5.21 1.07
CA PHE A 182 -16.26 6.37 1.87
C PHE A 182 -14.90 6.88 1.38
N ASP A 183 -14.80 8.18 1.15
CA ASP A 183 -13.54 8.72 0.56
C ASP A 183 -13.30 10.06 1.22
N THR A 184 -12.35 10.12 2.13
CA THR A 184 -12.11 11.39 2.82
C THR A 184 -11.54 12.44 1.86
N THR A 185 -10.87 12.03 0.78
CA THR A 185 -10.29 13.03 -0.18
C THR A 185 -11.40 13.75 -0.98
N ARG A 186 -12.55 13.11 -1.06
CA ARG A 186 -13.75 13.68 -1.66
C ARG A 186 -14.46 14.67 -0.71
N GLY A 187 -14.10 14.69 0.57
CA GLY A 187 -14.76 15.57 1.54
C GLY A 187 -15.82 14.86 2.35
N ASP A 188 -15.94 13.54 2.23
CA ASP A 188 -16.92 12.78 3.04
C ASP A 188 -16.72 13.04 4.54
N THR A 189 -17.81 13.09 5.30
CA THR A 189 -17.78 13.44 6.73
C THR A 189 -18.23 12.23 7.54
N ASN A 190 -18.15 12.31 8.87
CA ASN A 190 -18.74 11.29 9.73
C ASN A 190 -20.24 11.06 9.53
N LYS A 191 -20.95 12.09 9.09
CA LYS A 191 -22.39 11.93 8.75
C LYS A 191 -22.54 10.99 7.58
N ASP A 192 -21.70 11.20 6.56
CA ASP A 192 -21.68 10.31 5.39
C ASP A 192 -21.34 8.90 5.81
N TRP A 193 -20.31 8.76 6.66
CA TRP A 193 -19.88 7.45 7.13
C TRP A 193 -21.04 6.66 7.81
N VAL A 194 -21.75 7.29 8.74
CA VAL A 194 -22.83 6.60 9.47
C VAL A 194 -23.93 6.16 8.48
N ARG A 195 -24.31 7.06 7.58
CA ARG A 195 -25.31 6.77 6.54
C ARG A 195 -24.84 5.62 5.62
N LEU A 196 -23.58 5.67 5.19
CA LEU A 196 -23.03 4.57 4.38
C LEU A 196 -23.14 3.18 5.00
N LEU A 197 -22.73 3.10 6.25
CA LEU A 197 -22.79 1.83 6.94
C LEU A 197 -24.25 1.38 7.17
N ASP A 198 -25.09 2.33 7.56
CA ASP A 198 -26.53 2.01 7.80
C ASP A 198 -27.28 1.56 6.56
N GLN A 199 -26.94 2.13 5.40
CA GLN A 199 -27.62 1.68 4.22
C GLN A 199 -26.84 0.71 3.34
N ALA A 200 -25.75 0.15 3.86
CA ALA A 200 -24.91 -0.76 3.04
C ALA A 200 -25.71 -1.99 2.59
N VAL A 201 -25.56 -2.37 1.32
CA VAL A 201 -26.18 -3.61 0.79
C VAL A 201 -25.21 -4.81 0.77
N SER A 202 -23.92 -4.52 0.96
CA SER A 202 -22.87 -5.55 0.99
C SER A 202 -22.42 -5.77 2.42
N PRO A 203 -21.88 -6.96 2.76
CA PRO A 203 -21.22 -7.10 4.04
C PRO A 203 -19.86 -6.32 4.14
N ILE A 204 -19.35 -5.82 3.02
CA ILE A 204 -18.04 -5.10 3.00
C ILE A 204 -18.30 -3.65 2.66
N MET A 205 -17.70 -2.74 3.43
CA MET A 205 -17.65 -1.32 3.02
C MET A 205 -16.23 -1.02 2.51
N ASP A 206 -16.17 -0.39 1.35
CA ASP A 206 -14.91 0.11 0.82
C ASP A 206 -14.70 1.54 1.29
N ALA A 207 -13.47 1.86 1.69
CA ALA A 207 -13.15 3.24 2.11
C ALA A 207 -11.72 3.59 1.71
N ARG A 208 -11.45 4.87 1.47
CA ARG A 208 -10.08 5.32 1.17
C ARG A 208 -9.80 6.70 1.71
N GLY A 209 -8.52 6.93 1.98
CA GLY A 209 -8.03 8.26 2.29
C GLY A 209 -7.04 8.68 1.23
N LYS A 210 -6.06 9.45 1.64
CA LYS A 210 -5.01 9.88 0.72
C LYS A 210 -4.15 8.70 0.26
N TYR A 211 -3.78 7.82 1.19
CA TYR A 211 -2.81 6.75 0.91
C TYR A 211 -3.34 5.37 1.22
N ILE A 212 -4.31 5.29 2.14
CA ILE A 212 -4.90 4.01 2.56
C ILE A 212 -6.14 3.64 1.74
N GLN A 213 -6.31 2.34 1.48
CA GLN A 213 -7.63 1.76 1.14
C GLN A 213 -7.94 0.65 2.17
N VAL A 214 -9.19 0.60 2.65
CA VAL A 214 -9.59 -0.45 3.56
C VAL A 214 -10.81 -1.14 2.99
N ALA A 215 -10.86 -2.46 3.23
CA ALA A 215 -11.96 -3.29 2.82
C ALA A 215 -12.28 -4.18 4.03
N TYR A 216 -13.17 -3.66 4.88
CA TYR A 216 -13.50 -4.29 6.13
C TYR A 216 -15.00 -4.54 6.20
N PRO A 217 -15.44 -5.52 7.02
CA PRO A 217 -16.87 -5.80 7.11
C PRO A 217 -17.62 -4.68 7.84
N VAL A 218 -18.78 -4.33 7.28
CA VAL A 218 -19.71 -3.36 7.89
C VAL A 218 -19.97 -3.70 9.35
N GLU A 219 -20.14 -4.98 9.66
CA GLU A 219 -20.45 -5.34 11.05
C GLU A 219 -19.37 -4.84 12.03
N PHE A 220 -18.09 -4.96 11.68
CA PHE A 220 -16.99 -4.47 12.56
C PHE A 220 -16.79 -2.98 12.51
N LEU A 221 -17.08 -2.38 11.36
CA LEU A 221 -17.03 -0.91 11.27
C LEU A 221 -18.12 -0.31 12.17
N LYS A 222 -19.32 -0.92 12.19
CA LYS A 222 -20.39 -0.40 13.04
C LYS A 222 -20.07 -0.61 14.53
N LYS A 223 -19.56 -1.78 14.85
CA LYS A 223 -19.28 -2.20 16.22
C LYS A 223 -18.18 -1.36 16.89
N PHE A 224 -17.08 -1.13 16.17
CA PHE A 224 -15.91 -0.46 16.75
C PHE A 224 -15.64 0.93 16.24
N THR A 225 -15.58 1.12 14.91
CA THR A 225 -15.32 2.48 14.40
C THR A 225 -16.50 3.37 14.84
N LYS A 226 -17.66 2.73 14.83
CA LYS A 226 -18.97 3.35 14.78
C LYS A 226 -19.06 4.61 13.96
N ASP A 227 -19.18 5.68 14.70
CA ASP A 227 -19.14 7.03 14.31
C ASP A 227 -17.91 7.60 13.50
N ARG A 228 -16.74 7.16 13.88
CA ARG A 228 -15.50 7.90 13.58
C ARG A 228 -14.76 7.40 12.33
N GLY A 229 -15.45 7.29 11.21
CA GLY A 229 -14.79 6.84 9.96
C GLY A 229 -13.70 7.79 9.47
N THR A 230 -13.93 9.10 9.54
CA THR A 230 -12.89 10.07 9.19
C THR A 230 -11.61 9.85 10.00
N GLU A 231 -11.76 9.76 11.32
CA GLU A 231 -10.62 9.51 12.22
C GLU A 231 -9.87 8.22 11.91
N LEU A 232 -10.62 7.15 11.56
CA LEU A 232 -10.03 5.88 11.21
C LEU A 232 -9.15 6.00 9.98
N ILE A 233 -9.74 6.57 8.93
CA ILE A 233 -8.98 6.78 7.70
C ILE A 233 -7.78 7.70 7.93
N ASN A 234 -8.01 8.81 8.63
CA ASN A 234 -6.88 9.70 8.99
C ASN A 234 -5.78 8.97 9.74
N ALA A 235 -6.13 8.02 10.61
CA ALA A 235 -5.11 7.29 11.34
C ALA A 235 -4.26 6.41 10.44
N TYR A 236 -4.89 5.67 9.51
CA TYR A 236 -4.08 4.87 8.56
C TYR A 236 -3.25 5.81 7.67
N ASP A 237 -3.85 6.93 7.26
CA ASP A 237 -3.07 7.91 6.43
C ASP A 237 -1.88 8.46 7.17
N LYS A 238 -2.05 8.66 8.48
CA LYS A 238 -0.94 9.16 9.31
C LYS A 238 0.23 8.12 9.28
N LEU A 239 -0.10 6.84 9.44
CA LEU A 239 0.89 5.76 9.51
C LEU A 239 1.63 5.65 8.20
N ILE A 240 0.90 5.69 7.09
CA ILE A 240 1.56 5.61 5.80
C ILE A 240 2.33 6.92 5.48
N GLY A 241 1.69 8.05 5.76
CA GLY A 241 2.30 9.37 5.53
C GLY A 241 3.62 9.50 6.25
N ILE A 242 3.72 8.92 7.45
CA ILE A 242 4.98 8.94 8.21
C ILE A 242 6.10 8.29 7.39
N GLN A 243 5.77 7.21 6.66
CA GLN A 243 6.80 6.54 5.85
C GLN A 243 7.15 7.40 4.64
N TYR A 244 6.14 7.91 3.95
CA TYR A 244 6.36 8.78 2.80
C TYR A 244 7.21 9.99 3.15
N GLN A 245 6.97 10.54 4.33
CA GLN A 245 7.74 11.69 4.82
C GLN A 245 9.19 11.32 5.08
N LEU A 246 9.42 10.20 5.75
CA LEU A 246 10.79 9.74 6.06
C LEU A 246 11.54 9.40 4.77
N MET A 247 10.78 8.95 3.76
CA MET A 247 11.33 8.67 2.43
C MET A 247 11.67 9.94 1.65
N GLY A 248 11.21 11.08 2.13
CA GLY A 248 11.29 12.35 1.37
C GLY A 248 10.38 12.43 0.14
N LEU A 249 9.35 11.58 0.06
CA LEU A 249 8.44 11.62 -1.11
C LEU A 249 7.63 12.90 -1.14
N ASP A 250 7.24 13.39 0.03
CA ASP A 250 6.56 14.70 0.08
C ASP A 250 7.53 15.82 -0.33
N LYS A 251 8.75 15.79 0.23
CA LYS A 251 9.73 16.86 -0.02
C LYS A 251 10.09 16.95 -1.49
N TYR A 252 10.18 15.81 -2.16
CA TYR A 252 10.60 15.79 -3.53
C TYR A 252 9.45 15.50 -4.56
N GLY A 253 8.21 15.54 -4.10
CA GLY A 253 7.04 15.46 -5.01
C GLY A 253 6.89 14.10 -5.66
N LYS A 254 7.06 13.03 -4.88
CA LYS A 254 7.10 11.71 -5.45
C LYS A 254 6.16 10.73 -4.71
N ILE A 255 5.16 11.26 -4.00
CA ILE A 255 4.19 10.39 -3.34
C ILE A 255 3.42 9.64 -4.45
N PRO A 256 3.31 8.31 -4.36
CA PRO A 256 2.69 7.65 -5.51
C PRO A 256 1.18 7.79 -5.49
N GLU A 257 0.58 7.71 -6.65
CA GLU A 257 -0.87 7.82 -6.70
C GLU A 257 -1.57 6.59 -6.08
N ASN A 258 -0.87 5.45 -6.12
CA ASN A 258 -1.41 4.14 -5.71
C ASN A 258 -1.67 4.10 -4.22
N ARG A 259 -2.79 3.52 -3.81
CA ARG A 259 -3.01 3.28 -2.39
C ARG A 259 -2.45 1.96 -1.90
N VAL A 260 -2.34 1.84 -0.57
CA VAL A 260 -2.00 0.57 0.08
C VAL A 260 -3.30 0.02 0.68
N LEU A 261 -3.57 -1.25 0.40
CA LEU A 261 -4.79 -1.94 0.88
C LEU A 261 -4.60 -2.65 2.21
N ALA A 262 -5.50 -2.38 3.16
CA ALA A 262 -5.65 -3.23 4.34
C ALA A 262 -7.02 -3.89 4.27
N ARG A 263 -7.04 -5.22 4.43
CA ARG A 263 -8.28 -5.97 4.18
C ARG A 263 -8.56 -6.92 5.33
N VAL A 264 -9.83 -7.28 5.49
CA VAL A 264 -10.21 -8.42 6.35
C VAL A 264 -9.79 -9.76 5.72
N ASN A 265 -9.54 -10.77 6.57
CA ASN A 265 -9.40 -12.14 6.12
C ASN A 265 -9.92 -13.07 7.22
N PHE A 266 -10.13 -14.34 6.88
CA PHE A 266 -10.69 -15.27 7.86
C PHE A 266 -9.80 -16.47 8.18
N ASN A 267 -8.51 -16.30 7.89
CA ASN A 267 -7.52 -17.36 8.13
C ASN A 267 -6.57 -17.11 9.31
N TYR A 268 -6.05 -15.88 9.41
CA TYR A 268 -5.01 -15.59 10.37
C TYR A 268 -5.04 -14.16 10.89
N TYR A 269 -4.72 -14.02 12.18
CA TYR A 269 -4.57 -12.74 12.89
C TYR A 269 -4.10 -11.56 12.00
N MET A 270 -2.87 -11.63 11.48
CA MET A 270 -2.34 -10.52 10.67
C MET A 270 -1.22 -10.99 9.79
N PHE A 271 -1.17 -10.54 8.54
CA PHE A 271 -0.04 -10.84 7.65
C PHE A 271 -0.08 -9.86 6.49
N ARG A 272 0.94 -9.92 5.66
CA ARG A 272 0.96 -9.12 4.45
C ARG A 272 1.28 -9.99 3.26
N ASP A 273 0.57 -9.79 2.15
CA ASP A 273 1.00 -10.46 0.92
C ASP A 273 1.06 -9.40 -0.18
N GLY A 274 1.12 -9.83 -1.45
CA GLY A 274 1.19 -8.94 -2.60
C GLY A 274 -0.02 -7.99 -2.71
N ASP A 275 -1.17 -8.41 -2.14
CA ASP A 275 -2.37 -7.53 -2.14
C ASP A 275 -2.38 -6.45 -1.06
N GLY A 276 -1.51 -6.63 -0.04
CA GLY A 276 -1.36 -5.65 1.07
C GLY A 276 -1.52 -6.33 2.44
N VAL A 277 -1.95 -5.55 3.43
CA VAL A 277 -2.03 -6.00 4.81
C VAL A 277 -3.40 -6.67 5.04
N ALA A 278 -3.40 -7.79 5.78
CA ALA A 278 -4.65 -8.53 6.05
C ALA A 278 -4.86 -8.73 7.55
N TYR A 279 -6.09 -8.58 8.01
CA TYR A 279 -6.41 -8.70 9.44
C TYR A 279 -7.59 -9.61 9.68
N LEU A 280 -7.47 -10.47 10.71
CA LEU A 280 -8.52 -11.44 11.00
C LEU A 280 -9.85 -10.78 11.35
N GLY A 281 -10.95 -11.23 10.72
CA GLY A 281 -12.27 -10.68 11.05
C GLY A 281 -12.89 -11.28 12.31
N ASN A 282 -12.22 -11.10 13.46
CA ASN A 282 -12.83 -11.39 14.75
C ASN A 282 -12.84 -10.16 15.65
N ASP A 283 -13.62 -10.19 16.72
CA ASP A 283 -13.68 -9.07 17.66
C ASP A 283 -12.31 -8.63 18.14
N GLY A 284 -11.47 -9.56 18.58
CA GLY A 284 -10.11 -9.25 19.05
C GLY A 284 -9.27 -8.37 18.12
N THR A 285 -9.15 -8.79 16.87
CA THR A 285 -8.27 -8.12 15.88
C THR A 285 -8.96 -6.87 15.34
N MET A 286 -10.28 -6.97 15.10
CA MET A 286 -11.02 -5.86 14.52
C MET A 286 -11.09 -4.69 15.47
N ARG A 287 -11.12 -4.97 16.78
CA ARG A 287 -11.11 -3.92 17.79
C ARG A 287 -9.84 -3.09 17.71
N MET A 288 -8.73 -3.76 17.37
CA MET A 288 -7.43 -3.10 17.28
C MET A 288 -7.36 -2.21 16.04
N VAL A 289 -7.93 -2.65 14.91
CA VAL A 289 -7.58 -2.00 13.61
C VAL A 289 -8.70 -1.20 12.98
N THR A 290 -9.91 -1.34 13.52
CA THR A 290 -11.05 -0.54 13.03
C THR A 290 -11.44 0.56 14.01
N ASP A 291 -10.75 0.62 15.15
CA ASP A 291 -10.93 1.73 16.10
C ASP A 291 -9.81 2.72 15.83
N PRO A 292 -10.14 4.00 15.58
CA PRO A 292 -9.14 5.00 15.22
C PRO A 292 -8.07 5.29 16.28
N GLU A 293 -8.38 5.10 17.56
CA GLU A 293 -7.36 5.28 18.61
C GLU A 293 -6.49 4.05 18.79
N ASN A 294 -7.10 2.86 18.71
CA ASN A 294 -6.38 1.61 18.91
C ASN A 294 -5.35 1.34 17.86
N VAL A 295 -5.64 1.73 16.61
CA VAL A 295 -4.73 1.45 15.52
C VAL A 295 -3.41 2.23 15.67
N LEU A 296 -3.41 3.31 16.45
CA LEU A 296 -2.22 4.09 16.70
C LEU A 296 -1.50 3.72 18.00
N LYS A 297 -1.91 2.65 18.65
CA LYS A 297 -1.26 2.28 19.91
C LYS A 297 -0.23 1.21 19.65
N GLY A 298 0.83 1.19 20.46
CA GLY A 298 1.74 0.06 20.64
C GLY A 298 1.87 -0.99 19.56
N ASP A 299 1.34 -2.19 19.86
CA ASP A 299 1.49 -3.34 18.95
C ASP A 299 0.79 -3.18 17.60
N ALA A 300 -0.41 -2.58 17.61
CA ALA A 300 -1.14 -2.35 16.36
C ALA A 300 -0.34 -1.42 15.44
N CYS A 301 0.15 -0.31 15.99
CA CYS A 301 0.92 0.68 15.22
C CYS A 301 2.23 0.03 14.67
N TRP A 302 2.94 -0.68 15.53
CA TRP A 302 4.17 -1.35 15.15
C TRP A 302 3.95 -2.37 14.03
N GLY A 303 2.97 -3.27 14.22
CA GLY A 303 2.67 -4.32 13.26
C GLY A 303 2.33 -3.76 11.88
N PHE A 304 1.47 -2.73 11.83
CA PHE A 304 1.12 -2.09 10.57
C PHE A 304 2.32 -1.39 9.97
N SER A 305 3.08 -0.66 10.78
CA SER A 305 4.25 0.09 10.29
C SER A 305 5.32 -0.87 9.75
N HIS A 306 5.51 -1.95 10.48
CA HIS A 306 6.52 -2.98 10.12
C HIS A 306 6.20 -3.58 8.74
N GLU A 307 4.93 -3.93 8.52
CA GLU A 307 4.50 -4.57 7.27
C GLU A 307 4.50 -3.65 6.08
N VAL A 308 3.92 -2.47 6.26
CA VAL A 308 3.95 -1.43 5.21
C VAL A 308 5.39 -1.04 4.90
N GLY A 309 6.24 -1.10 5.92
CA GLY A 309 7.68 -0.80 5.74
C GLY A 309 8.37 -1.78 4.83
N HIS A 310 7.85 -3.00 4.73
CA HIS A 310 8.33 -3.95 3.69
C HIS A 310 8.00 -3.51 2.26
N VAL A 311 6.85 -2.85 2.08
CA VAL A 311 6.57 -2.24 0.76
C VAL A 311 7.52 -1.02 0.52
N MET A 312 7.73 -0.24 1.57
CA MET A 312 8.41 1.06 1.40
C MET A 312 9.92 1.02 1.51
N GLN A 313 10.50 -0.04 2.08
CA GLN A 313 11.96 -0.10 2.22
C GLN A 313 12.59 -0.14 0.81
N MET A 314 13.62 0.66 0.57
CA MET A 314 14.17 0.79 -0.76
C MET A 314 15.33 -0.17 -0.94
N ARG A 315 15.58 -0.61 -2.16
CA ARG A 315 16.64 -1.62 -2.40
C ARG A 315 18.02 -1.16 -1.93
N PRO A 316 18.36 0.12 -2.17
CA PRO A 316 19.69 0.58 -1.67
C PRO A 316 19.85 0.63 -0.13
N MET A 317 18.76 0.48 0.62
CA MET A 317 18.87 0.39 2.08
C MET A 317 18.50 -1.00 2.55
N THR A 318 18.34 -1.93 1.61
CA THR A 318 17.83 -3.28 1.93
C THR A 318 18.64 -4.33 1.21
N TRP A 319 19.96 -4.23 1.38
CA TRP A 319 20.85 -5.25 0.86
C TRP A 319 20.67 -6.55 1.67
N GLY A 320 21.26 -7.66 1.20
CA GLY A 320 21.10 -8.91 1.94
C GLY A 320 21.36 -8.80 3.43
N GLY A 321 20.46 -9.35 4.23
CA GLY A 321 20.54 -9.27 5.70
C GLY A 321 19.70 -8.15 6.29
N MET A 322 19.22 -7.26 5.42
CA MET A 322 18.58 -6.01 5.87
C MET A 322 17.06 -6.05 5.74
N THR A 323 16.49 -7.15 5.22
CA THR A 323 15.02 -7.21 5.00
C THR A 323 14.19 -6.90 6.24
N GLU A 324 14.64 -7.40 7.39
CA GLU A 324 13.95 -7.20 8.67
C GLU A 324 14.63 -6.12 9.51
N VAL A 325 15.43 -5.29 8.86
CA VAL A 325 16.14 -4.20 9.50
C VAL A 325 15.61 -2.83 8.99
N SER A 326 15.79 -2.56 7.69
CA SER A 326 15.47 -1.22 7.17
C SER A 326 13.99 -0.82 7.28
N ASN A 327 13.07 -1.78 7.24
CA ASN A 327 11.63 -1.46 7.42
C ASN A 327 11.34 -0.96 8.82
N ASN A 328 12.14 -1.37 9.80
CA ASN A 328 11.88 -0.94 11.18
C ASN A 328 12.36 0.45 11.49
N ILE A 329 13.09 1.08 10.56
CA ILE A 329 13.32 2.53 10.68
C ILE A 329 11.94 3.20 10.65
N PHE A 330 11.05 2.73 9.76
CA PHE A 330 9.67 3.25 9.71
C PHE A 330 8.91 3.00 11.00
N SER A 331 9.02 1.78 11.52
CA SER A 331 8.34 1.40 12.78
C SER A 331 8.74 2.30 13.95
N LEU A 332 10.04 2.54 14.09
CA LEU A 332 10.56 3.45 15.14
C LEU A 332 10.09 4.91 14.95
N GLN A 333 10.09 5.39 13.71
CA GLN A 333 9.57 6.74 13.42
C GLN A 333 8.08 6.86 13.71
N ALA A 334 7.30 5.83 13.31
CA ALA A 334 5.88 5.84 13.56
C ALA A 334 5.55 5.83 15.07
N ALA A 335 6.30 5.04 15.83
CA ALA A 335 6.21 5.05 17.29
C ALA A 335 6.53 6.46 17.84
N ALA A 336 7.64 7.07 17.40
CA ALA A 336 8.01 8.43 17.83
C ALA A 336 6.91 9.44 17.47
N LYS A 337 6.26 9.30 16.31
CA LYS A 337 5.25 10.29 15.90
C LYS A 337 3.86 10.04 16.46
N THR A 338 3.64 8.88 17.10
CA THR A 338 2.35 8.56 17.70
C THR A 338 2.39 8.49 19.23
N GLY A 339 3.47 8.98 19.85
CA GLY A 339 3.60 8.92 21.32
C GLY A 339 3.83 7.54 21.92
N ASN A 340 4.26 6.56 21.12
CA ASN A 340 4.54 5.24 21.63
C ASN A 340 6.02 5.13 22.06
N GLU A 341 6.34 4.12 22.86
CA GLU A 341 7.71 3.86 23.37
C GLU A 341 8.70 3.52 22.27
N SER A 342 9.99 3.80 22.50
CA SER A 342 11.06 3.30 21.62
C SER A 342 11.32 1.83 21.93
N ARG A 343 11.16 0.97 20.92
CA ARG A 343 11.44 -0.45 21.10
C ARG A 343 12.93 -0.73 21.25
N LEU A 344 13.77 0.13 20.69
CA LEU A 344 15.23 -0.01 20.88
C LEU A 344 15.53 0.27 22.36
N LYS A 345 14.87 1.29 22.90
CA LYS A 345 15.05 1.65 24.32
C LYS A 345 14.56 0.52 25.18
N ARG A 346 13.35 0.02 24.88
CA ARG A 346 12.73 -0.99 25.70
C ARG A 346 13.54 -2.31 25.70
N GLN A 347 14.14 -2.65 24.54
CA GLN A 347 14.91 -3.87 24.43
C GLN A 347 16.37 -3.74 24.91
N GLY A 348 16.79 -2.54 25.30
CA GLY A 348 18.19 -2.26 25.66
C GLY A 348 19.11 -2.47 24.46
N SER A 349 18.58 -2.24 23.26
CA SER A 349 19.29 -2.55 22.01
C SER A 349 20.59 -1.81 21.77
N TYR A 350 20.67 -0.53 22.20
CA TYR A 350 21.86 0.26 22.00
C TYR A 350 23.03 -0.46 22.70
N ASP A 351 22.77 -0.98 23.90
CA ASP A 351 23.81 -1.67 24.68
C ASP A 351 24.10 -3.05 24.09
N LYS A 352 23.06 -3.78 23.70
CA LYS A 352 23.23 -5.12 23.11
C LYS A 352 24.06 -5.04 21.84
N ALA A 353 23.78 -4.01 21.01
CA ALA A 353 24.42 -3.85 19.72
C ALA A 353 25.87 -3.38 19.89
N ARG A 354 26.12 -2.44 20.82
CA ARG A 354 27.51 -1.97 21.07
C ARG A 354 28.33 -3.16 21.55
N LYS A 355 27.76 -4.01 22.41
CA LYS A 355 28.52 -5.17 22.88
C LYS A 355 28.75 -6.18 21.76
N GLU A 356 27.70 -6.51 21.03
CA GLU A 356 27.83 -7.54 20.00
C GLU A 356 28.81 -7.13 18.88
N ILE A 357 28.63 -5.91 18.37
CA ILE A 357 29.33 -5.50 17.16
C ILE A 357 30.63 -4.74 17.45
N ILE A 358 30.53 -3.71 18.30
CA ILE A 358 31.69 -2.84 18.53
C ILE A 358 32.69 -3.57 19.43
N GLU A 359 32.24 -3.97 20.62
CA GLU A 359 33.13 -4.71 21.51
C GLU A 359 33.51 -6.07 20.90
N GLY A 360 32.57 -6.73 20.26
CA GLY A 360 32.84 -8.04 19.68
C GLY A 360 33.75 -7.99 18.46
N GLU A 361 33.99 -6.78 17.93
CA GLU A 361 34.82 -6.53 16.75
C GLU A 361 34.44 -7.40 15.55
N ILE A 362 33.13 -7.55 15.34
CA ILE A 362 32.65 -8.29 14.18
C ILE A 362 32.25 -7.30 13.09
N ALA A 363 32.03 -7.83 11.88
CA ALA A 363 31.47 -7.02 10.81
C ALA A 363 30.00 -6.69 11.10
N TYR A 364 29.59 -5.49 10.74
CA TYR A 364 28.16 -5.16 10.77
C TYR A 364 27.31 -6.28 10.10
N LEU A 365 27.77 -6.70 8.93
CA LEU A 365 27.11 -7.78 8.19
C LEU A 365 26.92 -9.09 8.98
N GLN A 366 27.81 -9.36 9.94
CA GLN A 366 27.74 -10.60 10.73
C GLN A 366 26.81 -10.52 11.92
N SER A 367 26.21 -9.36 12.20
CA SER A 367 25.40 -9.25 13.42
C SER A 367 24.24 -10.24 13.34
N LYS A 368 23.92 -10.90 14.45
CA LYS A 368 22.86 -11.93 14.48
C LYS A 368 21.52 -11.42 14.99
N ASP A 369 21.37 -10.12 15.14
CA ASP A 369 20.14 -9.57 15.73
C ASP A 369 19.68 -8.36 14.92
N VAL A 370 18.46 -8.44 14.37
CA VAL A 370 17.98 -7.40 13.44
C VAL A 370 17.79 -6.03 14.14
N PHE A 371 17.50 -6.04 15.44
CA PHE A 371 17.44 -4.78 16.22
C PHE A 371 18.84 -4.21 16.42
N ASN A 372 19.85 -5.04 16.66
CA ASN A 372 21.22 -4.55 16.74
C ASN A 372 21.63 -3.90 15.45
N LYS A 373 21.24 -4.48 14.30
CA LYS A 373 21.62 -3.83 13.02
C LYS A 373 20.86 -2.53 12.82
N LEU A 374 19.68 -2.45 13.41
CA LEU A 374 18.88 -1.20 13.31
C LEU A 374 19.51 -0.04 14.10
N VAL A 375 20.20 -0.36 15.18
CA VAL A 375 20.73 0.68 16.10
C VAL A 375 21.51 1.81 15.39
N PRO A 376 22.58 1.46 14.59
CA PRO A 376 23.30 2.61 13.99
C PRO A 376 22.43 3.41 13.01
N LEU A 377 21.51 2.74 12.34
CA LEU A 377 20.67 3.45 11.39
C LEU A 377 19.79 4.47 12.16
N TRP A 378 19.31 4.06 13.33
CA TRP A 378 18.47 4.96 14.13
C TRP A 378 19.31 6.02 14.83
N GLN A 379 20.52 5.67 15.30
CA GLN A 379 21.40 6.69 15.89
C GLN A 379 21.66 7.82 14.91
N LEU A 380 21.82 7.49 13.63
CA LEU A 380 22.10 8.54 12.65
C LEU A 380 20.94 9.53 12.56
N HIS A 381 19.72 8.99 12.57
CA HIS A 381 18.53 9.80 12.48
C HIS A 381 18.41 10.69 13.72
N LEU A 382 18.54 10.09 14.91
CA LEU A 382 18.45 10.84 16.19
C LEU A 382 19.53 11.92 16.28
N TYR A 383 20.74 11.59 15.84
CA TYR A 383 21.80 12.57 15.83
C TYR A 383 21.55 13.71 14.88
N PHE A 384 21.34 13.40 13.61
CA PHE A 384 21.14 14.46 12.63
C PHE A 384 19.89 15.31 12.84
N THR A 385 18.88 14.70 13.43
CA THR A 385 17.63 15.37 13.77
C THR A 385 17.90 16.51 14.76
N LYS A 386 18.72 16.24 15.77
CA LYS A 386 19.12 17.27 16.74
C LYS A 386 20.22 18.24 16.29
N ASN A 387 21.04 17.85 15.31
CA ASN A 387 22.24 18.63 14.98
C ASN A 387 22.22 19.27 13.61
N GLY A 388 21.04 19.78 13.25
CA GLY A 388 20.94 20.65 12.09
C GLY A 388 20.63 19.98 10.77
N HIS A 389 20.23 18.70 10.75
CA HIS A 389 19.79 18.11 9.49
C HIS A 389 18.52 17.27 9.71
N PRO A 390 17.37 17.94 10.02
CA PRO A 390 16.14 17.17 10.32
C PRO A 390 15.62 16.33 9.14
N ASP A 391 16.01 16.65 7.92
CA ASP A 391 15.62 15.88 6.76
C ASP A 391 16.66 14.84 6.39
N PHE A 392 17.31 14.29 7.40
CA PHE A 392 18.35 13.30 7.18
C PHE A 392 17.92 12.14 6.26
N TYR A 393 17.00 11.29 6.73
CA TYR A 393 16.54 10.18 5.87
C TYR A 393 15.82 10.63 4.58
N PRO A 394 15.00 11.69 4.64
CA PRO A 394 14.39 12.14 3.40
C PRO A 394 15.43 12.46 2.32
N ASP A 395 16.56 13.06 2.72
CA ASP A 395 17.58 13.43 1.73
C ASP A 395 18.44 12.25 1.32
N VAL A 396 18.75 11.39 2.30
CA VAL A 396 19.51 10.16 2.03
C VAL A 396 18.75 9.26 1.06
N MET A 397 17.45 9.07 1.30
CA MET A 397 16.67 8.20 0.40
C MET A 397 16.53 8.81 -1.01
N GLU A 398 16.36 10.14 -1.08
CA GLU A 398 16.36 10.81 -2.41
C GLU A 398 17.72 10.65 -3.14
N TYR A 399 18.80 10.86 -2.39
CA TYR A 399 20.14 10.70 -2.95
C TYR A 399 20.36 9.32 -3.51
N LEU A 400 19.98 8.30 -2.75
CA LEU A 400 20.08 6.92 -3.20
C LEU A 400 19.16 6.61 -4.39
N ARG A 401 17.96 7.21 -4.42
CA ARG A 401 17.07 7.01 -5.60
C ARG A 401 17.77 7.47 -6.89
N ASN A 402 18.41 8.64 -6.78
CA ASN A 402 19.08 9.31 -7.91
C ASN A 402 20.43 8.72 -8.22
N ASN A 403 21.16 8.27 -7.20
CA ASN A 403 22.61 7.94 -7.38
C ASN A 403 23.04 6.52 -7.15
N ALA A 404 22.22 5.69 -6.51
CA ALA A 404 22.69 4.36 -6.18
C ALA A 404 22.70 3.50 -7.43
N GLY A 405 23.54 2.45 -7.40
CA GLY A 405 23.62 1.53 -8.50
C GLY A 405 22.49 0.55 -8.56
N ASN A 406 22.66 -0.45 -9.42
CA ASN A 406 21.61 -1.39 -9.61
C ASN A 406 22.11 -2.82 -9.39
N TYR A 407 21.92 -3.36 -8.18
CA TYR A 407 22.58 -4.64 -7.83
C TYR A 407 21.57 -5.69 -7.39
N GLY A 408 21.84 -6.95 -7.67
CA GLY A 408 21.06 -8.02 -7.10
C GLY A 408 21.94 -9.08 -6.45
N GLY A 409 21.29 -9.95 -5.65
CA GLY A 409 21.95 -11.03 -4.94
C GLY A 409 23.22 -10.60 -4.19
N ASN A 410 24.28 -11.38 -4.38
CA ASN A 410 25.57 -11.13 -3.73
C ASN A 410 26.18 -9.78 -3.99
N ASP A 411 25.78 -9.12 -5.05
CA ASP A 411 26.28 -7.80 -5.37
C ASP A 411 25.65 -6.70 -4.51
N THR A 412 24.53 -7.03 -3.85
CA THR A 412 23.82 -5.98 -3.06
C THR A 412 24.69 -5.39 -1.94
N VAL A 413 25.76 -6.08 -1.53
CA VAL A 413 26.63 -5.53 -0.49
C VAL A 413 27.22 -4.19 -0.91
N LYS A 414 27.34 -3.94 -2.22
CA LYS A 414 27.80 -2.64 -2.69
C LYS A 414 26.91 -1.48 -2.19
N TYR A 415 25.61 -1.75 -1.99
CA TYR A 415 24.73 -0.73 -1.40
C TYR A 415 25.15 -0.29 0.00
N GLN A 416 25.77 -1.19 0.76
CA GLN A 416 26.22 -0.83 2.13
C GLN A 416 27.16 0.39 2.04
N PHE A 417 28.06 0.36 1.08
CA PHE A 417 29.06 1.42 0.90
C PHE A 417 28.48 2.62 0.21
N GLU A 418 27.54 2.38 -0.71
CA GLU A 418 26.78 3.51 -1.24
C GLU A 418 25.96 4.24 -0.19
N PHE A 419 25.40 3.49 0.76
CA PHE A 419 24.63 4.09 1.84
C PHE A 419 25.55 4.96 2.71
N VAL A 420 26.72 4.42 3.06
CA VAL A 420 27.73 5.21 3.80
C VAL A 420 28.08 6.53 3.04
N LYS A 421 28.32 6.44 1.74
CA LYS A 421 28.70 7.67 0.98
C LYS A 421 27.55 8.68 1.00
N ALA A 422 26.32 8.17 0.79
CA ALA A 422 25.13 9.00 0.80
C ALA A 422 24.99 9.75 2.14
N CYS A 423 25.19 9.06 3.27
CA CYS A 423 25.03 9.69 4.58
C CYS A 423 26.06 10.82 4.76
N CYS A 424 27.30 10.57 4.34
CA CYS A 424 28.36 11.62 4.38
C CYS A 424 28.01 12.82 3.50
N ASP A 425 27.64 12.54 2.24
CA ASP A 425 27.43 13.59 1.25
C ASP A 425 26.25 14.47 1.60
N VAL A 426 25.19 13.84 2.08
CA VAL A 426 23.95 14.53 2.40
C VAL A 426 24.18 15.50 3.55
N THR A 427 24.92 15.07 4.56
CA THR A 427 25.11 15.85 5.77
C THR A 427 26.43 16.65 5.76
N LYS A 428 27.23 16.52 4.70
CA LYS A 428 28.55 17.19 4.64
C LYS A 428 29.35 16.93 5.93
N THR A 429 29.30 15.67 6.38
CA THR A 429 29.97 15.25 7.62
C THR A 429 30.77 14.02 7.27
N ASP A 430 31.97 13.92 7.82
CA ASP A 430 32.82 12.76 7.59
C ASP A 430 32.45 11.73 8.67
N LEU A 431 31.74 10.67 8.27
CA LEU A 431 31.17 9.71 9.24
C LEU A 431 32.03 8.43 9.23
N THR A 432 33.26 8.54 8.68
CA THR A 432 34.20 7.40 8.62
C THR A 432 34.29 6.63 9.94
N ASP A 433 34.51 7.37 11.02
CA ASP A 433 34.77 6.75 12.33
C ASP A 433 33.55 6.04 12.85
N PHE A 434 32.38 6.66 12.67
CA PHE A 434 31.10 6.05 13.08
C PHE A 434 30.92 4.70 12.39
N PHE A 435 31.04 4.71 11.06
CA PHE A 435 30.85 3.48 10.30
C PHE A 435 31.95 2.41 10.55
N GLU A 436 33.19 2.86 10.74
CA GLU A 436 34.30 1.96 11.11
C GLU A 436 33.97 1.27 12.45
N LYS A 437 33.55 2.02 13.47
CA LYS A 437 33.27 1.43 14.79
C LYS A 437 32.16 0.44 14.72
N TRP A 438 31.12 0.77 13.93
CA TRP A 438 30.01 -0.16 13.76
C TRP A 438 30.32 -1.34 12.80
N GLY A 439 31.57 -1.46 12.36
CA GLY A 439 32.01 -2.62 11.57
C GLY A 439 31.56 -2.65 10.11
N PHE A 440 31.23 -1.49 9.56
CA PHE A 440 30.80 -1.43 8.15
C PHE A 440 31.96 -1.68 7.22
N PHE A 441 33.17 -1.40 7.69
CA PHE A 441 34.33 -1.48 6.82
C PHE A 441 35.20 -2.74 7.04
N LYS A 442 34.71 -3.72 7.80
CA LYS A 442 35.47 -4.97 7.98
C LYS A 442 35.53 -5.78 6.66
N PRO A 443 36.76 -6.06 6.12
CA PRO A 443 36.78 -6.86 4.90
C PRO A 443 36.61 -8.32 5.20
N GLY A 444 36.19 -9.11 4.22
CA GLY A 444 36.13 -10.54 4.41
C GLY A 444 35.05 -11.15 3.55
N LYS A 445 34.82 -12.44 3.75
CA LYS A 445 33.78 -13.15 3.01
C LYS A 445 32.78 -13.57 4.03
N PHE A 446 31.54 -13.11 3.86
CA PHE A 446 30.53 -13.29 4.88
C PHE A 446 29.33 -14.03 4.33
N HIS A 447 28.84 -14.99 5.09
CA HIS A 447 27.68 -15.71 4.66
C HIS A 447 26.52 -15.24 5.54
N ILE A 448 25.47 -14.66 4.95
CA ILE A 448 24.44 -13.88 5.66
C ILE A 448 23.12 -14.51 5.34
N GLY A 449 22.35 -14.80 6.40
CA GLY A 449 21.13 -15.63 6.34
C GLY A 449 19.87 -14.81 6.50
N ASP A 450 19.32 -14.32 5.41
CA ASP A 450 18.07 -13.58 5.42
C ASP A 450 17.00 -14.61 4.94
N TYR A 451 15.99 -14.16 4.22
CA TYR A 451 15.09 -15.09 3.53
C TYR A 451 15.84 -15.81 2.39
N ALA A 452 16.75 -15.06 1.79
CA ALA A 452 17.76 -15.55 0.88
C ALA A 452 19.08 -15.62 1.64
N GLN A 453 19.94 -16.48 1.18
CA GLN A 453 21.25 -16.58 1.82
C GLN A 453 22.29 -15.96 0.91
N TYR A 454 23.09 -15.05 1.46
CA TYR A 454 24.02 -14.24 0.70
C TYR A 454 25.48 -14.59 0.99
N ASP A 455 26.32 -14.49 -0.04
CA ASP A 455 27.76 -14.70 0.09
C ASP A 455 28.42 -13.42 -0.35
N PHE A 456 28.79 -12.60 0.63
CA PHE A 456 29.30 -11.29 0.32
C PHE A 456 30.80 -11.35 0.37
N ASN A 457 31.41 -10.64 -0.56
CA ASN A 457 32.85 -10.54 -0.61
C ASN A 457 33.22 -9.07 -0.47
N VAL A 458 33.59 -8.67 0.73
CA VAL A 458 33.96 -7.29 0.93
C VAL A 458 35.48 -7.25 0.82
N THR A 459 35.99 -6.71 -0.27
CA THR A 459 37.45 -6.69 -0.45
C THR A 459 38.08 -5.47 0.25
N PRO A 460 39.39 -5.55 0.61
CA PRO A 460 40.11 -4.37 1.09
C PRO A 460 40.02 -3.18 0.14
N GLU A 461 39.99 -3.44 -1.16
CA GLU A 461 39.90 -2.34 -2.14
C GLU A 461 38.56 -1.62 -2.04
N MET A 462 37.47 -2.38 -1.90
CA MET A 462 36.12 -1.80 -1.75
C MET A 462 36.07 -0.84 -0.58
N VAL A 463 36.65 -1.28 0.54
CA VAL A 463 36.69 -0.47 1.76
C VAL A 463 37.55 0.79 1.57
N GLU A 464 38.77 0.58 1.04
CA GLU A 464 39.69 1.70 0.80
C GLU A 464 39.13 2.75 -0.15
N GLU A 465 38.53 2.33 -1.25
CA GLU A 465 37.90 3.26 -2.21
C GLU A 465 36.79 4.10 -1.58
N THR A 466 36.00 3.48 -0.70
CA THR A 466 34.95 4.24 0.03
C THR A 466 35.57 5.25 0.99
N LYS A 467 36.52 4.80 1.80
CA LYS A 467 37.21 5.67 2.73
C LYS A 467 37.91 6.83 2.01
N LYS A 468 38.54 6.55 0.87
CA LYS A 468 39.27 7.58 0.08
C LYS A 468 38.33 8.63 -0.44
N TRP A 469 37.23 8.15 -1.03
CA TRP A 469 36.16 9.00 -1.48
C TRP A 469 35.65 9.91 -0.35
N ILE A 470 35.44 9.38 0.85
CA ILE A 470 34.96 10.24 1.95
C ILE A 470 36.02 11.28 2.30
N ALA A 471 37.24 10.84 2.60
CA ALA A 471 38.37 11.74 2.96
C ALA A 471 38.55 12.87 1.94
N GLY A 472 38.44 12.53 0.65
CA GLY A 472 38.54 13.48 -0.45
C GLY A 472 37.59 14.66 -0.42
N LYS A 473 36.46 14.50 0.28
CA LYS A 473 35.49 15.56 0.39
C LYS A 473 35.90 16.68 1.36
N GLY A 474 36.78 16.37 2.30
CA GLY A 474 37.18 17.32 3.34
C GLY A 474 36.08 17.82 4.26
N TYR A 475 35.13 16.95 4.58
CA TYR A 475 34.05 17.31 5.50
C TYR A 475 34.56 17.28 6.90
N PRO A 476 33.97 18.08 7.81
CA PRO A 476 34.29 17.96 9.24
C PRO A 476 33.84 16.62 9.83
N LYS A 477 34.60 16.10 10.80
CA LYS A 477 34.19 14.92 11.57
C LYS A 477 33.16 15.40 12.59
N PRO A 478 32.22 14.53 13.03
CA PRO A 478 31.36 15.00 14.13
C PRO A 478 32.21 15.28 15.36
N GLU A 479 31.77 16.21 16.19
CA GLU A 479 32.46 16.56 17.44
C GLU A 479 32.36 15.44 18.46
N THR A 480 31.24 14.72 18.43
CA THR A 480 30.95 13.65 19.40
C THR A 480 30.94 12.25 18.76
N ASP A 481 31.08 11.22 19.59
CA ASP A 481 31.05 9.84 19.14
C ASP A 481 29.57 9.43 19.01
N ILE A 482 29.06 9.45 17.78
CA ILE A 482 27.65 9.08 17.51
C ILE A 482 27.27 7.69 18.00
N THR A 483 28.25 6.75 18.04
CA THR A 483 27.95 5.38 18.51
C THR A 483 27.54 5.36 19.97
N GLU A 484 27.83 6.44 20.70
CA GLU A 484 27.47 6.55 22.14
C GLU A 484 26.03 7.00 22.37
N LEU A 485 25.35 7.39 21.30
CA LEU A 485 23.94 7.74 21.43
C LEU A 485 23.07 6.57 21.93
N SER A 486 22.29 6.84 22.99
CA SER A 486 21.29 5.89 23.50
C SER A 486 19.98 6.64 23.76
N GLU A 487 18.90 5.91 24.00
CA GLU A 487 17.69 6.59 24.49
C GLU A 487 17.49 6.17 25.95
#